data_7DV3
#
_entry.id   7DV3
#
_cell.length_a   53.293
_cell.length_b   62.058
_cell.length_c   145.530
_cell.angle_alpha   90.000
_cell.angle_beta   90.000
_cell.angle_gamma   90.000
#
_symmetry.space_group_name_H-M   'P 21 21 21'
#
loop_
_entity.id
_entity.type
_entity.pdbx_description
1 polymer 'SOJ protein (Soj)'
2 non-polymer 'PHOSPHOAMINOPHOSPHONIC ACID-ADENYLATE ESTER'
3 non-polymer 'MAGNESIUM ION'
4 water water
#
_entity_poly.entity_id   1
_entity_poly.type   'polypeptide(L)'
_entity_poly.pdbx_seq_one_letter_code
;MIVTVINQKGGVGKTTTSVNLSYYLSKEKKTGLLDLDPEGGATISYGMKRELKELPLGEKSVNIFNVEVFPAHIGLLKLE
LNGDVEEISNKIKEIGKQFDFLVIDTPPNLGTLAISAMLVADRIVSPVTPQPLALEAIKNLDSRLKSIGKNAYSFTNFSK
KVVKLDNLSSVKFTEITIPPSRLFIEASRLGVPALRYEEVRIKKPKLANYYQQLAKVISE
;
_entity_poly.pdbx_strand_id   A,B
#
# COMPACT_ATOMS: atom_id res chain seq x y z
N MET A 1 22.15 -8.89 5.11
CA MET A 1 21.70 -9.87 6.09
C MET A 1 20.34 -10.46 5.70
N ILE A 2 20.27 -11.78 5.65
CA ILE A 2 19.05 -12.49 5.30
C ILE A 2 18.42 -13.02 6.56
N VAL A 3 17.22 -12.55 6.88
CA VAL A 3 16.44 -13.03 8.01
C VAL A 3 15.23 -13.77 7.46
N THR A 4 15.14 -15.06 7.77
CA THR A 4 14.03 -15.90 7.37
C THR A 4 13.18 -16.27 8.59
N VAL A 5 11.88 -16.08 8.46
CA VAL A 5 10.93 -16.41 9.52
C VAL A 5 10.32 -17.77 9.22
N ILE A 6 10.49 -18.71 10.13
CA ILE A 6 10.10 -20.11 9.93
C ILE A 6 9.16 -20.54 11.05
N ASN A 7 8.06 -21.18 10.68
CA ASN A 7 7.32 -22.04 11.61
C ASN A 7 6.47 -23.00 10.80
N GLN A 8 6.65 -24.29 11.05
CA GLN A 8 5.87 -25.33 10.40
C GLN A 8 4.38 -25.19 10.66
N LYS A 9 4.01 -24.68 11.83
CA LYS A 9 2.61 -24.56 12.22
C LYS A 9 2.01 -23.25 11.70
N GLY A 10 0.79 -23.33 11.18
CA GLY A 10 0.11 -22.16 10.69
C GLY A 10 -0.44 -21.29 11.81
N GLY A 11 -0.59 -20.00 11.51
CA GLY A 11 -1.24 -19.06 12.41
C GLY A 11 -0.40 -18.59 13.57
N VAL A 12 0.89 -18.92 13.62
CA VAL A 12 1.71 -18.55 14.76
C VAL A 12 2.13 -17.08 14.73
N GLY A 13 2.18 -16.46 13.55
CA GLY A 13 2.56 -15.07 13.44
C GLY A 13 3.76 -14.82 12.55
N LYS A 14 4.03 -15.74 11.61
CA LYS A 14 5.17 -15.59 10.70
C LYS A 14 5.02 -14.31 9.87
N THR A 15 3.86 -14.13 9.24
CA THR A 15 3.64 -12.96 8.40
C THR A 15 3.72 -11.67 9.19
N THR A 16 3.11 -11.64 10.37
CA THR A 16 3.15 -10.44 11.20
C THR A 16 4.57 -10.08 11.55
N THR A 17 5.37 -11.08 11.92
CA THR A 17 6.79 -10.85 12.22
C THR A 17 7.53 -10.32 11.00
N SER A 18 7.33 -10.93 9.84
CA SER A 18 8.05 -10.49 8.64
C SER A 18 7.68 -9.05 8.30
N VAL A 19 6.37 -8.75 8.32
CA VAL A 19 5.89 -7.43 7.95
C VAL A 19 6.47 -6.38 8.88
N ASN A 20 6.34 -6.59 10.19
CA ASN A 20 6.74 -5.54 11.13
C ASN A 20 8.25 -5.47 11.30
N LEU A 21 8.97 -6.60 11.23
CA LEU A 21 10.43 -6.52 11.29
C LEU A 21 11.00 -5.84 10.06
N SER A 22 10.49 -6.16 8.87
CA SER A 22 10.96 -5.48 7.67
C SER A 22 10.62 -3.99 7.72
N TYR A 23 9.42 -3.65 8.20
CA TYR A 23 9.07 -2.23 8.28
C TYR A 23 9.96 -1.51 9.28
N TYR A 24 10.25 -2.13 10.42
CA TYR A 24 11.14 -1.52 11.39
C TYR A 24 12.54 -1.33 10.82
N LEU A 25 13.06 -2.36 10.15
CA LEU A 25 14.41 -2.30 9.61
C LEU A 25 14.53 -1.26 8.50
N SER A 26 13.45 -1.04 7.75
CA SER A 26 13.49 -0.08 6.65
C SER A 26 13.62 1.36 7.14
N LYS A 27 13.55 1.60 8.45
CA LYS A 27 13.60 2.96 8.94
C LYS A 27 14.97 3.59 8.69
N GLU A 28 16.04 2.79 8.66
CA GLU A 28 17.39 3.29 8.46
C GLU A 28 18.27 2.41 7.58
N LYS A 29 17.84 1.22 7.21
CA LYS A 29 18.54 0.38 6.27
C LYS A 29 17.64 0.01 5.10
N LYS A 30 18.24 -0.18 3.93
CA LYS A 30 17.50 -0.58 2.73
C LYS A 30 17.02 -2.01 2.89
N THR A 31 15.71 -2.19 2.98
CA THR A 31 15.10 -3.45 3.38
C THR A 31 14.18 -3.97 2.29
N GLY A 32 14.21 -5.29 2.09
CA GLY A 32 13.25 -5.97 1.23
C GLY A 32 12.50 -7.05 1.97
N LEU A 33 11.31 -7.38 1.47
CA LEU A 33 10.49 -8.45 2.02
C LEU A 33 10.12 -9.40 0.90
N LEU A 34 10.50 -10.67 1.05
CA LEU A 34 10.29 -11.69 0.04
C LEU A 34 9.18 -12.61 0.53
N ASP A 35 8.04 -12.58 -0.17
CA ASP A 35 6.86 -13.34 0.21
C ASP A 35 6.92 -14.70 -0.49
N LEU A 36 7.49 -15.68 0.20
CA LEU A 36 7.60 -17.03 -0.33
C LEU A 36 6.41 -17.91 0.02
N ASP A 37 5.41 -17.37 0.71
CA ASP A 37 4.16 -18.11 0.89
C ASP A 37 3.30 -17.92 -0.36
N PRO A 38 2.90 -19.00 -1.04
CA PRO A 38 1.98 -18.84 -2.18
C PRO A 38 0.66 -18.18 -1.80
N GLU A 39 0.22 -18.29 -0.54
CA GLU A 39 -1.00 -17.63 -0.10
C GLU A 39 -0.83 -16.13 0.12
N GLY A 40 0.40 -15.62 0.15
CA GLY A 40 0.64 -14.19 0.12
C GLY A 40 0.15 -13.41 1.31
N GLY A 41 0.35 -13.92 2.53
CA GLY A 41 -0.06 -13.20 3.71
C GLY A 41 0.63 -11.85 3.83
N ALA A 42 1.95 -11.82 3.60
CA ALA A 42 2.68 -10.56 3.66
C ALA A 42 2.24 -9.61 2.54
N THR A 43 2.03 -10.16 1.35
CA THR A 43 1.58 -9.36 0.22
C THR A 43 0.26 -8.67 0.56
N ILE A 44 -0.69 -9.42 1.13
CA ILE A 44 -1.95 -8.84 1.55
C ILE A 44 -1.73 -7.81 2.65
N SER A 45 -0.79 -8.09 3.56
CA SER A 45 -0.50 -7.17 4.64
C SER A 45 0.10 -5.85 4.16
N TYR A 46 0.62 -5.80 2.94
CA TYR A 46 1.04 -4.54 2.35
C TYR A 46 0.07 -4.01 1.30
N GLY A 47 -1.19 -4.43 1.37
CA GLY A 47 -2.22 -3.87 0.50
C GLY A 47 -2.24 -4.37 -0.92
N MET A 48 -1.61 -5.51 -1.19
CA MET A 48 -1.55 -6.05 -2.54
C MET A 48 -2.18 -7.42 -2.61
N LYS A 49 -2.41 -7.88 -3.83
CA LYS A 49 -2.92 -9.22 -4.10
C LYS A 49 -1.82 -10.06 -4.72
N ARG A 50 -1.84 -11.36 -4.48
CA ARG A 50 -0.82 -12.21 -5.09
C ARG A 50 -1.05 -12.28 -6.60
N GLU A 51 0.05 -12.22 -7.34
CA GLU A 51 -0.01 -12.08 -8.78
C GLU A 51 -0.47 -13.37 -9.45
N LEU A 52 -1.43 -13.25 -10.35
CA LEU A 52 -1.90 -14.42 -11.10
C LEU A 52 -1.08 -14.62 -12.37
N LYS A 53 0.24 -14.58 -12.19
CA LYS A 53 1.20 -14.88 -13.25
C LYS A 53 2.29 -15.75 -12.66
N GLU A 54 2.85 -16.63 -13.49
CA GLU A 54 3.97 -17.45 -13.09
C GLU A 54 5.24 -16.63 -13.32
N LEU A 55 5.59 -15.86 -12.34
CA LEU A 55 6.79 -15.03 -12.43
C LEU A 55 8.02 -15.79 -11.95
N PRO A 56 9.20 -15.44 -12.45
CA PRO A 56 10.42 -15.96 -11.82
C PRO A 56 10.62 -15.33 -10.46
N LEU A 57 11.34 -16.05 -9.61
CA LEU A 57 11.53 -15.62 -8.24
C LEU A 57 12.26 -14.29 -8.19
N GLY A 58 11.67 -13.32 -7.49
CA GLY A 58 12.29 -12.02 -7.30
C GLY A 58 12.08 -11.02 -8.40
N GLU A 59 11.35 -11.36 -9.47
CA GLU A 59 11.21 -10.44 -10.59
C GLU A 59 10.41 -9.20 -10.22
N LYS A 60 9.20 -9.39 -9.69
CA LYS A 60 8.27 -8.30 -9.46
C LYS A 60 8.37 -7.84 -8.01
N SER A 61 8.47 -6.52 -7.82
CA SER A 61 8.54 -5.94 -6.49
C SER A 61 8.00 -4.52 -6.53
N VAL A 62 7.45 -4.08 -5.41
CA VAL A 62 6.84 -2.75 -5.27
C VAL A 62 7.36 -2.13 -3.98
N ASN A 63 7.76 -0.86 -4.04
CA ASN A 63 8.19 -0.14 -2.85
C ASN A 63 6.98 0.46 -2.16
N ILE A 64 6.57 -0.14 -1.05
CA ILE A 64 5.42 0.31 -0.27
C ILE A 64 5.87 0.54 1.16
N PHE A 65 5.55 1.72 1.70
CA PHE A 65 5.90 2.06 3.09
C PHE A 65 7.39 1.85 3.34
N ASN A 66 8.20 2.19 2.33
CA ASN A 66 9.66 2.14 2.33
C ASN A 66 10.22 0.71 2.35
N VAL A 67 9.37 -0.31 2.29
CA VAL A 67 9.81 -1.69 2.16
C VAL A 67 9.67 -2.10 0.70
N GLU A 68 10.68 -2.77 0.16
CA GLU A 68 10.60 -3.35 -1.18
C GLU A 68 9.96 -4.71 -1.06
N VAL A 69 8.67 -4.80 -1.34
CA VAL A 69 7.90 -6.04 -1.18
C VAL A 69 7.94 -6.81 -2.49
N PHE A 70 8.35 -8.06 -2.42
CA PHE A 70 8.29 -8.96 -3.57
C PHE A 70 7.00 -9.76 -3.46
N PRO A 71 5.92 -9.36 -4.13
CA PRO A 71 4.63 -10.01 -3.89
C PRO A 71 4.65 -11.48 -4.22
N ALA A 72 3.82 -12.23 -3.49
CA ALA A 72 3.62 -13.64 -3.80
C ALA A 72 2.90 -13.77 -5.15
N HIS A 73 3.11 -14.91 -5.80
CA HIS A 73 2.55 -15.15 -7.13
C HIS A 73 2.38 -16.65 -7.32
N ILE A 74 1.60 -17.01 -8.34
CA ILE A 74 1.27 -18.41 -8.56
C ILE A 74 2.49 -19.21 -9.02
N GLY A 75 3.52 -18.54 -9.55
CA GLY A 75 4.73 -19.25 -9.93
C GLY A 75 5.35 -20.00 -8.76
N LEU A 76 5.28 -19.41 -7.57
CA LEU A 76 5.79 -20.08 -6.37
C LEU A 76 5.19 -21.46 -6.22
N LEU A 77 3.90 -21.62 -6.56
CA LEU A 77 3.28 -22.95 -6.45
C LEU A 77 4.11 -23.99 -7.18
N LYS A 78 4.53 -23.68 -8.41
CA LYS A 78 5.34 -24.62 -9.17
C LYS A 78 6.62 -24.97 -8.43
N LEU A 79 7.32 -23.95 -7.94
CA LEU A 79 8.54 -24.16 -7.19
C LEU A 79 8.27 -25.04 -5.98
N GLU A 80 7.09 -24.87 -5.35
CA GLU A 80 6.73 -25.63 -4.20
C GLU A 80 6.59 -27.11 -4.51
N LEU A 81 6.38 -27.45 -5.77
CA LEU A 81 6.22 -28.82 -6.30
C LEU A 81 7.46 -29.36 -6.98
N ASN A 82 8.00 -28.63 -7.96
CA ASN A 82 9.11 -29.10 -8.79
C ASN A 82 10.44 -28.42 -8.49
N GLY A 83 10.46 -27.43 -7.62
CA GLY A 83 11.64 -26.58 -7.50
C GLY A 83 12.85 -27.33 -6.98
N ASP A 84 14.02 -26.89 -7.46
CA ASP A 84 15.31 -27.38 -6.99
C ASP A 84 15.80 -26.52 -5.83
N VAL A 85 16.07 -27.15 -4.69
CA VAL A 85 16.48 -26.40 -3.51
C VAL A 85 17.72 -25.56 -3.81
N GLU A 86 18.67 -26.13 -4.55
CA GLU A 86 19.92 -25.40 -4.85
C GLU A 86 19.65 -24.16 -5.69
N GLU A 87 18.84 -24.30 -6.74
CA GLU A 87 18.55 -23.17 -7.63
C GLU A 87 17.80 -22.06 -6.90
N ILE A 88 16.78 -22.45 -6.13
CA ILE A 88 16.00 -21.46 -5.38
C ILE A 88 16.87 -20.76 -4.34
N SER A 89 17.75 -21.52 -3.67
CA SER A 89 18.67 -20.94 -2.71
C SER A 89 19.56 -19.89 -3.36
N ASN A 90 20.14 -20.23 -4.52
CA ASN A 90 21.01 -19.29 -5.21
C ASN A 90 20.26 -18.04 -5.61
N LYS A 91 19.02 -18.20 -6.09
CA LYS A 91 18.23 -17.03 -6.47
C LYS A 91 17.95 -16.14 -5.26
N ILE A 92 17.64 -16.74 -4.11
CA ILE A 92 17.41 -15.95 -2.91
C ILE A 92 18.65 -15.17 -2.53
N LYS A 93 19.83 -15.77 -2.70
CA LYS A 93 21.06 -15.06 -2.33
C LYS A 93 21.34 -13.88 -3.26
N GLU A 94 21.12 -14.09 -4.55
CA GLU A 94 21.25 -13.02 -5.54
C GLU A 94 20.29 -11.87 -5.20
N ILE A 95 19.06 -12.20 -4.78
CA ILE A 95 18.10 -11.18 -4.34
C ILE A 95 18.61 -10.43 -3.11
N GLY A 96 19.08 -11.17 -2.09
CA GLY A 96 19.50 -10.54 -0.85
C GLY A 96 20.65 -9.57 -1.04
N LYS A 97 21.49 -9.81 -2.05
CA LYS A 97 22.64 -8.93 -2.26
C LYS A 97 22.26 -7.46 -2.46
N GLN A 98 21.01 -7.14 -2.76
CA GLN A 98 20.61 -5.76 -3.01
C GLN A 98 20.06 -5.05 -1.78
N PHE A 99 20.11 -5.68 -0.61
CA PHE A 99 19.50 -5.13 0.59
C PHE A 99 20.44 -5.30 1.77
N ASP A 100 20.39 -4.33 2.69
CA ASP A 100 20.99 -4.54 4.00
C ASP A 100 20.24 -5.61 4.77
N PHE A 101 18.93 -5.71 4.54
CA PHE A 101 18.11 -6.72 5.19
C PHE A 101 17.10 -7.27 4.18
N LEU A 102 17.04 -8.59 4.09
CA LEU A 102 16.03 -9.29 3.30
C LEU A 102 15.26 -10.17 4.27
N VAL A 103 14.06 -9.75 4.64
CA VAL A 103 13.19 -10.56 5.47
C VAL A 103 12.39 -11.48 4.56
N ILE A 104 12.35 -12.77 4.87
CA ILE A 104 11.65 -13.75 4.04
C ILE A 104 10.50 -14.32 4.85
N ASP A 105 9.29 -14.17 4.33
CA ASP A 105 8.12 -14.84 4.90
C ASP A 105 7.93 -16.17 4.20
N THR A 106 7.64 -17.21 4.97
CA THR A 106 7.66 -18.57 4.46
C THR A 106 6.33 -19.26 4.74
N PRO A 107 5.97 -20.26 3.93
CA PRO A 107 4.68 -20.94 4.12
C PRO A 107 4.70 -21.83 5.36
N PRO A 108 3.54 -22.16 5.92
CA PRO A 108 3.50 -23.08 7.07
C PRO A 108 3.65 -24.54 6.65
N ASN A 109 4.83 -24.87 6.15
CA ASN A 109 5.15 -26.25 5.77
C ASN A 109 6.66 -26.43 5.83
N LEU A 110 7.11 -27.64 5.50
CA LEU A 110 8.52 -27.96 5.34
C LEU A 110 8.88 -28.13 3.86
N GLY A 111 8.23 -27.36 2.99
CA GLY A 111 8.37 -27.53 1.56
C GLY A 111 9.63 -26.88 1.02
N THR A 112 9.71 -26.87 -0.32
CA THR A 112 10.92 -26.46 -1.01
C THR A 112 11.30 -25.01 -0.67
N LEU A 113 10.32 -24.10 -0.75
CA LEU A 113 10.61 -22.69 -0.51
C LEU A 113 11.06 -22.44 0.92
N ALA A 114 10.36 -23.03 1.88
CA ALA A 114 10.72 -22.83 3.28
C ALA A 114 12.12 -23.38 3.57
N ILE A 115 12.44 -24.56 3.04
CA ILE A 115 13.75 -25.15 3.27
C ILE A 115 14.85 -24.30 2.63
N SER A 116 14.62 -23.81 1.41
CA SER A 116 15.63 -22.96 0.76
C SER A 116 15.88 -21.68 1.54
N ALA A 117 14.80 -21.01 1.97
CA ALA A 117 14.93 -19.78 2.73
C ALA A 117 15.63 -20.04 4.07
N MET A 118 15.29 -21.16 4.71
CA MET A 118 15.92 -21.52 5.97
C MET A 118 17.39 -21.85 5.79
N LEU A 119 17.78 -22.43 4.65
CA LEU A 119 19.17 -22.78 4.41
C LEU A 119 20.01 -21.55 4.10
N VAL A 120 19.49 -20.62 3.28
CA VAL A 120 20.30 -19.46 2.92
C VAL A 120 20.32 -18.39 4.01
N ALA A 121 19.46 -18.51 5.01
CA ALA A 121 19.29 -17.44 5.98
C ALA A 121 20.54 -17.23 6.83
N ASP A 122 20.88 -15.96 7.05
CA ASP A 122 21.87 -15.64 8.06
C ASP A 122 21.27 -15.74 9.46
N ARG A 123 20.06 -15.22 9.63
CA ARG A 123 19.31 -15.38 10.87
C ARG A 123 17.99 -16.09 10.58
N ILE A 124 17.66 -17.05 11.44
CA ILE A 124 16.43 -17.81 11.36
C ILE A 124 15.61 -17.45 12.58
N VAL A 125 14.40 -16.92 12.37
CA VAL A 125 13.55 -16.43 13.45
C VAL A 125 12.28 -17.26 13.47
N SER A 126 11.90 -17.74 14.66
CA SER A 126 10.71 -18.55 14.82
C SER A 126 9.86 -18.02 15.98
N PRO A 127 8.59 -17.74 15.74
CA PRO A 127 7.67 -17.44 16.84
C PRO A 127 7.01 -18.70 17.38
N VAL A 128 6.95 -18.78 18.71
CA VAL A 128 6.28 -19.85 19.43
C VAL A 128 5.08 -19.25 20.13
N THR A 129 4.04 -20.06 20.31
CA THR A 129 2.79 -19.65 20.92
C THR A 129 2.44 -20.65 22.02
N PRO A 130 1.57 -20.26 22.94
CA PRO A 130 1.11 -21.23 23.96
C PRO A 130 0.38 -22.43 23.38
N GLN A 131 -0.18 -22.32 22.16
CA GLN A 131 -0.86 -23.43 21.50
C GLN A 131 0.02 -24.68 21.49
N PRO A 132 -0.58 -25.87 21.52
CA PRO A 132 0.25 -27.09 21.61
C PRO A 132 1.04 -27.37 20.34
N LEU A 133 0.42 -27.17 19.18
CA LEU A 133 1.05 -27.51 17.92
C LEU A 133 2.30 -26.68 17.70
N ALA A 134 2.29 -25.44 18.17
CA ALA A 134 3.48 -24.60 18.10
C ALA A 134 4.62 -25.16 18.94
N LEU A 135 4.30 -25.75 20.09
CA LEU A 135 5.33 -26.37 20.92
C LEU A 135 5.91 -27.60 20.21
N GLU A 136 5.04 -28.44 19.65
CA GLU A 136 5.53 -29.55 18.83
C GLU A 136 6.44 -29.05 17.71
N ALA A 137 6.03 -27.95 17.06
CA ALA A 137 6.78 -27.42 15.92
C ALA A 137 8.12 -26.84 16.34
N ILE A 138 8.19 -26.19 17.49
CA ILE A 138 9.46 -25.64 17.96
C ILE A 138 10.42 -26.78 18.30
N LYS A 139 9.91 -27.90 18.84
CA LYS A 139 10.80 -29.02 19.12
C LYS A 139 11.30 -29.69 17.83
N ASN A 140 10.38 -29.90 16.87
CA ASN A 140 10.78 -30.34 15.54
C ASN A 140 11.76 -29.41 14.84
N LEU A 141 11.57 -28.10 14.98
CA LEU A 141 12.56 -27.17 14.44
C LEU A 141 13.90 -27.38 15.13
N ASP A 142 13.90 -27.58 16.45
CA ASP A 142 15.15 -27.82 17.16
C ASP A 142 15.85 -29.06 16.65
N SER A 143 15.10 -30.15 16.44
CA SER A 143 15.72 -31.39 15.99
C SER A 143 16.30 -31.23 14.57
N ARG A 144 15.48 -30.76 13.63
CA ARG A 144 15.93 -30.69 12.25
C ARG A 144 17.02 -29.66 12.08
N LEU A 145 16.96 -28.55 12.83
CA LEU A 145 18.05 -27.58 12.85
C LEU A 145 19.30 -28.16 13.48
N LYS A 146 19.14 -29.02 14.49
CA LYS A 146 20.28 -29.72 15.08
C LYS A 146 21.01 -30.54 14.04
N SER A 147 20.26 -31.15 13.11
CA SER A 147 20.89 -32.04 12.14
C SER A 147 21.90 -31.32 11.27
N ILE A 148 21.49 -30.22 10.62
CA ILE A 148 22.41 -29.42 9.83
C ILE A 148 23.11 -28.36 10.66
N GLY A 149 22.94 -28.42 11.98
CA GLY A 149 23.70 -27.57 12.87
C GLY A 149 23.54 -26.08 12.64
N LYS A 150 22.30 -25.63 12.47
CA LYS A 150 22.02 -24.20 12.37
C LYS A 150 21.20 -23.78 13.58
N ASN A 151 21.15 -22.47 13.82
CA ASN A 151 20.42 -21.93 14.95
C ASN A 151 19.23 -21.12 14.50
N ALA A 152 18.26 -21.02 15.41
CA ALA A 152 17.14 -20.11 15.29
C ALA A 152 16.98 -19.34 16.58
N TYR A 153 16.31 -18.21 16.47
CA TYR A 153 15.93 -17.37 17.60
C TYR A 153 14.43 -17.48 17.75
N SER A 154 13.97 -17.94 18.91
CA SER A 154 12.55 -18.06 19.17
C SER A 154 12.09 -16.91 20.05
N PHE A 155 10.97 -16.31 19.68
CA PHE A 155 10.28 -15.39 20.58
C PHE A 155 8.85 -15.88 20.74
N THR A 156 8.05 -15.18 21.53
CA THR A 156 6.73 -15.65 21.92
C THR A 156 5.66 -14.68 21.42
N ASN A 157 4.61 -15.22 20.81
CA ASN A 157 3.49 -14.43 20.31
C ASN A 157 2.20 -14.97 20.90
N PHE A 158 1.20 -14.09 20.99
CA PHE A 158 -0.12 -14.41 21.57
C PHE A 158 0.00 -14.71 23.06
N SER A 159 0.89 -14.02 23.77
CA SER A 159 1.09 -14.34 25.18
C SER A 159 1.66 -13.14 25.92
N LYS A 160 1.23 -12.98 27.18
CA LYS A 160 1.85 -12.01 28.08
C LYS A 160 3.07 -12.57 28.81
N LYS A 161 3.25 -13.89 28.81
CA LYS A 161 4.37 -14.54 29.46
C LYS A 161 5.16 -15.33 28.42
N VAL A 162 6.49 -15.30 28.55
CA VAL A 162 7.35 -16.00 27.59
C VAL A 162 7.08 -17.50 27.64
N VAL A 163 7.26 -18.14 26.49
CA VAL A 163 7.17 -19.60 26.37
C VAL A 163 8.56 -20.09 26.05
N LYS A 164 9.09 -20.97 26.89
CA LYS A 164 10.43 -21.45 26.66
C LYS A 164 10.36 -22.95 26.82
N LEU A 165 11.15 -23.69 26.05
CA LEU A 165 11.16 -25.15 26.18
C LEU A 165 12.52 -25.63 26.63
N ASP A 166 12.56 -26.70 27.42
CA ASP A 166 13.84 -27.14 27.97
C ASP A 166 14.48 -28.20 27.07
N ASN A 167 15.80 -28.18 27.04
CA ASN A 167 16.61 -29.13 26.27
C ASN A 167 16.37 -28.97 24.76
N LEU A 168 16.33 -27.72 24.31
CA LEU A 168 16.38 -27.37 22.89
C LEU A 168 17.62 -26.51 22.69
N SER A 169 18.73 -27.16 22.39
CA SER A 169 20.03 -26.48 22.36
C SER A 169 20.25 -25.65 21.10
N SER A 170 19.49 -25.91 20.03
CA SER A 170 19.65 -25.18 18.78
C SER A 170 18.69 -24.01 18.65
N VAL A 171 17.84 -23.77 19.65
CA VAL A 171 16.82 -22.73 19.61
C VAL A 171 17.05 -21.80 20.81
N LYS A 172 17.46 -20.57 20.54
CA LYS A 172 17.64 -19.58 21.60
C LYS A 172 16.32 -18.87 21.83
N PHE A 173 15.67 -19.16 22.96
CA PHE A 173 14.46 -18.44 23.35
C PHE A 173 14.86 -17.07 23.89
N THR A 174 14.41 -16.03 23.22
CA THR A 174 14.56 -14.69 23.77
C THR A 174 13.49 -14.46 24.83
N GLU A 175 13.53 -13.28 25.41
CA GLU A 175 12.60 -12.85 26.44
C GLU A 175 11.43 -12.07 25.84
N ILE A 176 11.43 -11.90 24.51
CA ILE A 176 10.40 -11.12 23.83
C ILE A 176 9.08 -11.88 23.89
N THR A 177 8.04 -11.18 24.34
CA THR A 177 6.70 -11.75 24.33
C THR A 177 5.73 -10.69 23.85
N ILE A 178 4.96 -11.00 22.80
CA ILE A 178 4.04 -10.07 22.18
C ILE A 178 2.63 -10.49 22.59
N PRO A 179 1.94 -9.72 23.44
CA PRO A 179 0.65 -10.15 23.97
C PRO A 179 -0.43 -10.06 22.91
N PRO A 180 -1.58 -10.71 23.13
CA PRO A 180 -2.71 -10.51 22.24
C PRO A 180 -3.06 -9.03 22.15
N SER A 181 -3.29 -8.57 20.93
CA SER A 181 -3.50 -7.15 20.67
C SER A 181 -4.28 -7.01 19.38
N ARG A 182 -5.45 -6.39 19.46
CA ARG A 182 -6.25 -6.15 18.27
C ARG A 182 -5.69 -5.03 17.40
N LEU A 183 -4.58 -4.41 17.81
CA LEU A 183 -3.84 -3.54 16.90
C LEU A 183 -3.40 -4.32 15.68
N PHE A 184 -2.90 -5.55 15.88
CA PHE A 184 -2.52 -6.40 14.75
C PHE A 184 -3.70 -6.71 13.87
N ILE A 185 -4.85 -7.03 14.46
CA ILE A 185 -6.04 -7.37 13.68
C ILE A 185 -6.49 -6.17 12.85
N GLU A 186 -6.54 -4.99 13.47
CA GLU A 186 -6.95 -3.80 12.74
C GLU A 186 -5.96 -3.46 11.62
N ALA A 187 -4.66 -3.52 11.90
CA ALA A 187 -3.67 -3.19 10.88
C ALA A 187 -3.73 -4.16 9.71
N SER A 188 -3.86 -5.46 10.01
CA SER A 188 -3.95 -6.45 8.93
C SER A 188 -5.22 -6.24 8.11
N ARG A 189 -6.34 -5.90 8.76
CA ARG A 189 -7.53 -5.55 8.01
C ARG A 189 -7.29 -4.37 7.09
N LEU A 190 -6.67 -3.32 7.62
CA LEU A 190 -6.34 -2.14 6.81
C LEU A 190 -5.39 -2.51 5.67
N GLY A 191 -4.43 -3.38 5.94
CA GLY A 191 -3.46 -3.77 4.93
C GLY A 191 -2.18 -2.97 5.02
N VAL A 192 -1.76 -2.65 6.25
CA VAL A 192 -0.49 -1.96 6.48
C VAL A 192 0.21 -2.63 7.66
N PRO A 193 1.51 -2.39 7.82
CA PRO A 193 2.22 -2.90 9.00
C PRO A 193 1.63 -2.33 10.28
N ALA A 194 1.51 -3.21 11.28
CA ALA A 194 1.01 -2.77 12.59
C ALA A 194 1.92 -1.72 13.21
N LEU A 195 3.23 -1.83 12.99
CA LEU A 195 4.15 -0.80 13.47
C LEU A 195 3.79 0.56 12.90
N ARG A 196 3.37 0.60 11.64
CA ARG A 196 2.99 1.85 11.00
C ARG A 196 1.61 2.33 11.44
N TYR A 197 0.65 1.42 11.56
CA TYR A 197 -0.68 1.80 12.05
C TYR A 197 -0.62 2.34 13.47
N GLU A 198 0.32 1.83 14.27
CA GLU A 198 0.42 2.19 15.67
C GLU A 198 0.81 3.65 15.85
N GLU A 199 1.66 4.18 14.96
CA GLU A 199 2.11 5.56 15.09
C GLU A 199 0.95 6.55 15.00
N VAL A 200 -0.17 6.17 14.41
CA VAL A 200 -1.34 7.02 14.28
C VAL A 200 -2.44 6.58 15.25
N ARG A 201 -2.56 5.28 15.49
CA ARG A 201 -3.74 4.74 16.18
C ARG A 201 -3.72 5.06 17.68
N ILE A 202 -2.56 4.95 18.33
CA ILE A 202 -2.48 5.17 19.77
C ILE A 202 -1.43 6.23 20.06
N LYS A 203 -1.54 6.82 21.26
CA LYS A 203 -0.66 7.92 21.64
C LYS A 203 0.74 7.44 22.00
N LYS A 204 0.85 6.32 22.72
CA LYS A 204 2.16 5.77 23.11
C LYS A 204 2.32 4.41 22.44
N PRO A 205 2.96 4.35 21.28
CA PRO A 205 3.30 3.06 20.68
C PRO A 205 4.05 2.15 21.62
N LYS A 206 3.75 0.86 21.49
CA LYS A 206 4.27 -0.21 22.33
C LYS A 206 4.85 -1.36 21.53
N LEU A 207 4.42 -1.54 20.28
CA LEU A 207 4.90 -2.63 19.43
C LEU A 207 6.31 -2.39 18.91
N ALA A 208 6.73 -1.12 18.82
CA ALA A 208 8.06 -0.82 18.33
C ALA A 208 9.14 -1.46 19.19
N ASN A 209 8.88 -1.61 20.50
CA ASN A 209 9.87 -2.18 21.40
C ASN A 209 10.14 -3.65 21.08
N TYR A 210 9.09 -4.42 20.78
CA TYR A 210 9.29 -5.84 20.46
C TYR A 210 10.22 -6.00 19.26
N TYR A 211 9.95 -5.26 18.19
CA TYR A 211 10.70 -5.45 16.96
C TYR A 211 12.08 -4.82 17.07
N GLN A 212 12.25 -3.76 17.87
CA GLN A 212 13.59 -3.29 18.16
C GLN A 212 14.39 -4.35 18.92
N GLN A 213 13.76 -5.03 19.88
CA GLN A 213 14.46 -6.09 20.61
C GLN A 213 14.82 -7.24 19.70
N LEU A 214 13.94 -7.59 18.76
CA LEU A 214 14.24 -8.65 17.80
C LEU A 214 15.43 -8.28 16.92
N ALA A 215 15.39 -7.09 16.31
CA ALA A 215 16.51 -6.64 15.50
C ALA A 215 17.79 -6.56 16.32
N LYS A 216 17.67 -6.14 17.58
CA LYS A 216 18.81 -6.09 18.49
C LYS A 216 19.44 -7.46 18.66
N VAL A 217 18.62 -8.46 19.02
CA VAL A 217 19.17 -9.77 19.36
C VAL A 217 19.75 -10.46 18.13
N ILE A 218 19.21 -10.17 16.93
CA ILE A 218 19.69 -10.90 15.76
C ILE A 218 20.84 -10.23 15.01
N SER A 219 21.19 -8.99 15.34
CA SER A 219 22.01 -8.16 14.46
C SER A 219 23.49 -8.37 14.73
N GLU A 220 24.16 -9.01 13.77
CA GLU A 220 25.62 -9.11 13.60
C GLU A 220 26.15 -10.13 14.60
N MET B 1 -15.94 4.92 -17.41
CA MET B 1 -16.11 6.37 -17.28
C MET B 1 -14.87 7.03 -16.71
N ILE B 2 -14.47 8.14 -17.33
CA ILE B 2 -13.28 8.88 -16.94
C ILE B 2 -13.70 10.07 -16.10
N VAL B 3 -13.23 10.12 -14.86
CA VAL B 3 -13.51 11.21 -13.93
C VAL B 3 -12.21 11.93 -13.64
N THR B 4 -12.15 13.21 -13.98
CA THR B 4 -10.96 14.02 -13.80
C THR B 4 -11.20 15.06 -12.71
N VAL B 5 -10.31 15.09 -11.73
CA VAL B 5 -10.41 15.98 -10.59
C VAL B 5 -9.50 17.17 -10.84
N ILE B 6 -10.07 18.37 -10.91
CA ILE B 6 -9.36 19.53 -11.41
C ILE B 6 -9.51 20.69 -10.43
N ASN B 7 -8.38 21.36 -10.13
CA ASN B 7 -8.36 22.66 -9.49
C ASN B 7 -6.98 23.27 -9.61
N GLN B 8 -6.88 24.49 -10.15
CA GLN B 8 -5.56 25.11 -10.26
C GLN B 8 -5.05 25.59 -8.91
N LYS B 9 -5.94 25.90 -7.97
CA LYS B 9 -5.50 26.28 -6.64
C LYS B 9 -4.95 25.05 -5.90
N GLY B 10 -3.83 25.24 -5.24
CA GLY B 10 -3.19 24.15 -4.52
C GLY B 10 -3.74 23.97 -3.12
N GLY B 11 -3.78 22.70 -2.68
CA GLY B 11 -4.20 22.36 -1.35
C GLY B 11 -5.68 22.38 -1.10
N VAL B 12 -6.51 22.41 -2.14
CA VAL B 12 -7.96 22.45 -1.95
C VAL B 12 -8.56 21.08 -1.70
N GLY B 13 -7.89 20.00 -2.10
CA GLY B 13 -8.42 18.67 -1.87
C GLY B 13 -8.51 17.79 -3.11
N LYS B 14 -7.75 18.15 -4.15
CA LYS B 14 -7.75 17.35 -5.38
C LYS B 14 -7.35 15.91 -5.10
N THR B 15 -6.24 15.71 -4.39
CA THR B 15 -5.71 14.38 -4.18
C THR B 15 -6.58 13.57 -3.23
N THR B 16 -7.03 14.19 -2.14
CA THR B 16 -7.93 13.48 -1.23
C THR B 16 -9.17 12.99 -1.97
N THR B 17 -9.74 13.86 -2.82
CA THR B 17 -10.92 13.49 -3.60
C THR B 17 -10.61 12.36 -4.55
N SER B 18 -9.51 12.48 -5.32
CA SER B 18 -9.16 11.43 -6.27
C SER B 18 -8.98 10.09 -5.56
N VAL B 19 -8.19 10.10 -4.49
CA VAL B 19 -7.84 8.88 -3.78
C VAL B 19 -9.09 8.21 -3.21
N ASN B 20 -9.93 8.99 -2.51
CA ASN B 20 -11.07 8.41 -1.83
C ASN B 20 -12.19 8.04 -2.80
N LEU B 21 -12.41 8.84 -3.85
CA LEU B 21 -13.42 8.48 -4.82
C LEU B 21 -13.02 7.20 -5.56
N SER B 22 -11.77 7.09 -5.98
CA SER B 22 -11.34 5.87 -6.65
C SER B 22 -11.45 4.67 -5.72
N TYR B 23 -11.07 4.84 -4.44
CA TYR B 23 -11.20 3.74 -3.51
C TYR B 23 -12.66 3.32 -3.32
N TYR B 24 -13.56 4.31 -3.18
CA TYR B 24 -14.97 3.99 -3.02
C TYR B 24 -15.49 3.22 -4.23
N LEU B 25 -15.15 3.69 -5.43
CA LEU B 25 -15.60 3.02 -6.64
C LEU B 25 -15.03 1.61 -6.73
N SER B 26 -13.82 1.39 -6.21
CA SER B 26 -13.20 0.07 -6.29
C SER B 26 -14.00 -1.00 -5.56
N LYS B 27 -14.91 -0.60 -4.66
CA LYS B 27 -15.68 -1.58 -3.91
C LYS B 27 -16.63 -2.37 -4.80
N GLU B 28 -17.06 -1.79 -5.93
CA GLU B 28 -18.03 -2.44 -6.80
C GLU B 28 -17.65 -2.49 -8.27
N LYS B 29 -16.66 -1.72 -8.72
CA LYS B 29 -16.31 -1.69 -10.13
C LYS B 29 -14.80 -1.67 -10.29
N LYS B 30 -14.32 -2.18 -11.43
CA LYS B 30 -12.90 -2.19 -11.75
C LYS B 30 -12.42 -0.76 -11.91
N THR B 31 -11.65 -0.27 -10.95
CA THR B 31 -11.30 1.14 -10.85
C THR B 31 -9.80 1.32 -10.94
N GLY B 32 -9.40 2.38 -11.64
CA GLY B 32 -8.01 2.78 -11.71
C GLY B 32 -7.83 4.22 -11.27
N LEU B 33 -6.61 4.58 -10.86
CA LEU B 33 -6.27 5.93 -10.46
C LEU B 33 -5.01 6.36 -11.18
N LEU B 34 -5.10 7.43 -11.96
CA LEU B 34 -4.02 7.95 -12.78
C LEU B 34 -3.49 9.22 -12.13
N ASP B 35 -2.25 9.16 -11.64
CA ASP B 35 -1.61 10.29 -10.96
C ASP B 35 -0.87 11.11 -12.01
N LEU B 36 -1.44 12.27 -12.36
CA LEU B 36 -0.84 13.16 -13.34
C LEU B 36 -0.14 14.36 -12.70
N ASP B 37 -0.01 14.38 -11.37
CA ASP B 37 0.80 15.40 -10.71
C ASP B 37 2.21 14.87 -10.53
N PRO B 38 3.24 15.54 -11.05
CA PRO B 38 4.61 15.07 -10.83
C PRO B 38 5.02 15.03 -9.37
N GLU B 39 4.35 15.77 -8.49
CA GLU B 39 4.68 15.68 -7.06
C GLU B 39 4.05 14.47 -6.39
N GLY B 40 3.15 13.76 -7.06
CA GLY B 40 2.68 12.45 -6.63
C GLY B 40 1.86 12.36 -5.36
N GLY B 41 0.88 13.25 -5.19
CA GLY B 41 0.06 13.18 -3.98
C GLY B 41 -0.72 11.89 -3.86
N ALA B 42 -1.38 11.47 -4.94
CA ALA B 42 -2.14 10.22 -4.90
C ALA B 42 -1.22 9.03 -4.69
N THR B 43 -0.06 9.04 -5.34
CA THR B 43 0.91 7.96 -5.19
C THR B 43 1.32 7.81 -3.73
N ILE B 44 1.63 8.93 -3.07
CA ILE B 44 1.99 8.87 -1.65
C ILE B 44 0.79 8.40 -0.82
N SER B 45 -0.41 8.83 -1.19
CA SER B 45 -1.61 8.38 -0.48
C SER B 45 -1.84 6.89 -0.64
N TYR B 46 -1.21 6.23 -1.61
CA TYR B 46 -1.28 4.78 -1.70
C TYR B 46 0.02 4.11 -1.28
N GLY B 47 0.79 4.77 -0.40
CA GLY B 47 1.96 4.16 0.20
C GLY B 47 3.17 4.04 -0.69
N MET B 48 3.25 4.82 -1.76
CA MET B 48 4.31 4.68 -2.74
C MET B 48 5.01 6.01 -2.96
N LYS B 49 6.11 5.96 -3.69
CA LYS B 49 6.87 7.13 -4.09
C LYS B 49 6.81 7.29 -5.60
N ARG B 50 6.84 8.54 -6.06
CA ARG B 50 6.93 8.78 -7.48
C ARG B 50 8.20 8.13 -8.04
N GLU B 51 8.09 7.58 -9.23
CA GLU B 51 9.22 6.85 -9.80
C GLU B 51 10.29 7.83 -10.29
N LEU B 52 11.53 7.58 -9.88
CA LEU B 52 12.67 8.36 -10.35
C LEU B 52 13.13 7.81 -11.70
N LYS B 53 12.19 7.62 -12.62
CA LYS B 53 12.47 7.18 -13.97
C LYS B 53 11.51 7.91 -14.90
N GLU B 54 12.01 8.31 -16.06
CA GLU B 54 11.14 8.92 -17.06
C GLU B 54 10.41 7.81 -17.78
N LEU B 55 9.25 7.52 -17.33
CA LEU B 55 8.43 6.45 -17.84
C LEU B 55 7.46 6.99 -18.90
N PRO B 56 7.08 6.14 -19.86
CA PRO B 56 5.97 6.50 -20.73
C PRO B 56 4.67 6.56 -19.93
N LEU B 57 3.77 7.43 -20.37
CA LEU B 57 2.52 7.64 -19.65
C LEU B 57 1.74 6.34 -19.55
N GLY B 58 1.36 5.97 -18.33
CA GLY B 58 0.52 4.82 -18.10
C GLY B 58 1.20 3.47 -18.11
N GLU B 59 2.53 3.42 -18.07
CA GLU B 59 3.22 2.13 -18.11
C GLU B 59 3.17 1.43 -16.76
N LYS B 60 3.78 2.02 -15.75
CA LYS B 60 3.85 1.40 -14.43
C LYS B 60 2.52 1.55 -13.70
N SER B 61 2.08 0.47 -13.06
CA SER B 61 0.89 0.53 -12.22
C SER B 61 0.95 -0.59 -11.19
N VAL B 62 0.36 -0.34 -10.02
CA VAL B 62 0.35 -1.26 -8.90
C VAL B 62 -1.07 -1.36 -8.37
N ASN B 63 -1.53 -2.57 -8.09
CA ASN B 63 -2.84 -2.73 -7.44
C ASN B 63 -2.64 -2.63 -5.94
N ILE B 64 -3.04 -1.49 -5.38
CA ILE B 64 -2.98 -1.16 -3.95
C ILE B 64 -4.39 -0.91 -3.45
N PHE B 65 -4.80 -1.65 -2.42
CA PHE B 65 -6.12 -1.50 -1.80
C PHE B 65 -7.24 -1.59 -2.84
N ASN B 66 -7.12 -2.57 -3.74
CA ASN B 66 -8.06 -2.86 -4.83
C ASN B 66 -8.11 -1.78 -5.91
N VAL B 67 -7.23 -0.79 -5.87
CA VAL B 67 -7.20 0.27 -6.86
C VAL B 67 -5.97 0.07 -7.74
N GLU B 68 -6.16 0.12 -9.05
CA GLU B 68 -5.05 0.08 -9.99
C GLU B 68 -4.49 1.49 -10.08
N VAL B 69 -3.36 1.72 -9.41
CA VAL B 69 -2.78 3.05 -9.26
C VAL B 69 -1.63 3.17 -10.24
N PHE B 70 -1.67 4.21 -11.07
CA PHE B 70 -0.57 4.56 -11.96
C PHE B 70 0.28 5.62 -11.28
N PRO B 71 1.37 5.22 -10.62
CA PRO B 71 2.13 6.18 -9.81
C PRO B 71 2.72 7.29 -10.66
N ALA B 72 2.80 8.48 -10.08
CA ALA B 72 3.48 9.58 -10.73
C ALA B 72 4.95 9.24 -10.94
N HIS B 73 5.57 9.95 -11.88
CA HIS B 73 6.97 9.72 -12.20
C HIS B 73 7.53 10.98 -12.82
N ILE B 74 8.86 11.07 -12.85
CA ILE B 74 9.51 12.28 -13.35
C ILE B 74 9.25 12.47 -14.83
N GLY B 75 8.92 11.41 -15.56
CA GLY B 75 8.58 11.53 -16.96
C GLY B 75 7.35 12.38 -17.23
N LEU B 76 6.54 12.65 -16.20
CA LEU B 76 5.44 13.59 -16.37
C LEU B 76 5.95 14.99 -16.69
N LEU B 77 7.10 15.37 -16.12
CA LEU B 77 7.65 16.71 -16.32
C LEU B 77 7.78 17.04 -17.80
N LYS B 78 8.51 16.20 -18.54
CA LYS B 78 8.63 16.38 -19.98
C LYS B 78 7.27 16.51 -20.63
N LEU B 79 6.35 15.62 -20.26
CA LEU B 79 5.03 15.63 -20.87
C LEU B 79 4.26 16.91 -20.54
N GLU B 80 4.55 17.53 -19.39
CA GLU B 80 3.94 18.82 -19.10
C GLU B 80 4.36 19.88 -20.12
N LEU B 81 5.63 19.88 -20.53
CA LEU B 81 6.07 20.83 -21.55
C LEU B 81 5.70 20.38 -22.96
N ASN B 82 6.32 19.29 -23.41
CA ASN B 82 6.36 18.94 -24.82
C ASN B 82 5.31 17.90 -25.17
N GLY B 83 4.41 17.58 -24.25
CA GLY B 83 3.40 16.58 -24.52
C GLY B 83 2.43 17.05 -25.60
N ASP B 84 2.27 16.23 -26.63
CA ASP B 84 1.26 16.49 -27.66
C ASP B 84 -0.11 16.29 -27.04
N VAL B 85 -0.92 17.34 -27.04
CA VAL B 85 -2.20 17.31 -26.32
C VAL B 85 -3.10 16.20 -26.86
N GLU B 86 -3.18 16.09 -28.19
CA GLU B 86 -3.98 15.01 -28.77
C GLU B 86 -3.34 13.65 -28.51
N GLU B 87 -2.02 13.55 -28.55
CA GLU B 87 -1.39 12.28 -28.20
C GLU B 87 -1.71 11.88 -26.76
N ILE B 88 -1.54 12.82 -25.82
CA ILE B 88 -1.79 12.53 -24.42
C ILE B 88 -3.26 12.16 -24.21
N SER B 89 -4.16 12.86 -24.88
CA SER B 89 -5.58 12.55 -24.78
C SER B 89 -5.87 11.13 -25.25
N ASN B 90 -5.30 10.76 -26.40
CA ASN B 90 -5.52 9.41 -26.92
C ASN B 90 -4.91 8.36 -25.99
N LYS B 91 -3.75 8.65 -25.42
CA LYS B 91 -3.15 7.73 -24.46
C LYS B 91 -4.02 7.56 -23.22
N ILE B 92 -4.60 8.66 -22.73
CA ILE B 92 -5.45 8.57 -21.56
C ILE B 92 -6.71 7.78 -21.85
N LYS B 93 -7.31 7.99 -23.03
CA LYS B 93 -8.48 7.20 -23.42
C LYS B 93 -8.12 5.72 -23.55
N GLU B 94 -7.01 5.44 -24.23
CA GLU B 94 -6.38 4.13 -24.28
C GLU B 94 -6.28 3.48 -22.90
N ILE B 95 -5.77 4.22 -21.91
CA ILE B 95 -5.66 3.70 -20.55
C ILE B 95 -7.03 3.44 -19.93
N GLY B 96 -7.95 4.40 -20.08
CA GLY B 96 -9.23 4.33 -19.38
C GLY B 96 -10.17 3.28 -19.94
N LYS B 97 -10.00 2.90 -21.21
CA LYS B 97 -10.84 1.88 -21.80
C LYS B 97 -10.85 0.59 -20.98
N GLN B 98 -9.76 0.30 -20.27
CA GLN B 98 -9.62 -0.93 -19.52
C GLN B 98 -10.34 -0.90 -18.16
N PHE B 99 -10.99 0.20 -17.80
CA PHE B 99 -11.57 0.34 -16.46
C PHE B 99 -13.03 0.75 -16.54
N ASP B 100 -13.80 0.32 -15.54
CA ASP B 100 -15.13 0.89 -15.34
C ASP B 100 -15.03 2.36 -14.96
N PHE B 101 -14.07 2.70 -14.09
CA PHE B 101 -13.83 4.07 -13.66
C PHE B 101 -12.34 4.33 -13.69
N LEU B 102 -11.93 5.44 -14.28
CA LEU B 102 -10.55 5.93 -14.20
C LEU B 102 -10.60 7.30 -13.54
N VAL B 103 -10.23 7.36 -12.27
CA VAL B 103 -10.10 8.65 -11.59
C VAL B 103 -8.73 9.22 -11.92
N ILE B 104 -8.67 10.53 -12.18
CA ILE B 104 -7.45 11.18 -12.62
C ILE B 104 -7.15 12.34 -11.68
N ASP B 105 -6.01 12.27 -10.99
CA ASP B 105 -5.54 13.39 -10.18
C ASP B 105 -4.67 14.29 -11.05
N THR B 106 -4.76 15.60 -10.82
CA THR B 106 -4.07 16.57 -11.66
C THR B 106 -3.26 17.53 -10.80
N PRO B 107 -2.20 18.11 -11.35
CA PRO B 107 -1.42 19.09 -10.59
C PRO B 107 -2.21 20.36 -10.38
N PRO B 108 -1.81 21.21 -9.43
CA PRO B 108 -2.47 22.52 -9.27
C PRO B 108 -2.01 23.51 -10.33
N ASN B 109 -2.44 23.29 -11.57
CA ASN B 109 -2.13 24.20 -12.66
C ASN B 109 -3.11 23.96 -13.81
N LEU B 110 -2.81 24.59 -14.95
CA LEU B 110 -3.59 24.51 -16.16
C LEU B 110 -2.84 23.85 -17.32
N GLY B 111 -1.74 23.16 -17.01
CA GLY B 111 -0.81 22.69 -18.02
C GLY B 111 -1.37 21.59 -18.91
N THR B 112 -0.43 20.96 -19.65
CA THR B 112 -0.80 20.06 -20.73
C THR B 112 -1.47 18.79 -20.21
N LEU B 113 -0.91 18.18 -19.17
CA LEU B 113 -1.49 16.95 -18.62
C LEU B 113 -2.89 17.23 -18.08
N ALA B 114 -3.04 18.30 -17.30
CA ALA B 114 -4.34 18.65 -16.74
C ALA B 114 -5.35 18.91 -17.85
N ILE B 115 -4.95 19.67 -18.88
CA ILE B 115 -5.90 20.06 -19.92
C ILE B 115 -6.28 18.85 -20.78
N SER B 116 -5.36 17.92 -21.02
CA SER B 116 -5.71 16.69 -21.71
C SER B 116 -6.71 15.88 -20.90
N ALA B 117 -6.45 15.74 -19.59
CA ALA B 117 -7.38 15.02 -18.73
C ALA B 117 -8.75 15.67 -18.74
N MET B 118 -8.80 17.00 -18.81
CA MET B 118 -10.09 17.68 -18.94
C MET B 118 -10.76 17.34 -20.27
N LEU B 119 -9.97 17.33 -21.36
CA LEU B 119 -10.54 17.09 -22.68
C LEU B 119 -11.23 15.73 -22.76
N VAL B 120 -10.52 14.67 -22.38
CA VAL B 120 -11.08 13.32 -22.57
C VAL B 120 -11.87 12.83 -21.36
N ALA B 121 -12.18 13.73 -20.42
CA ALA B 121 -12.97 13.33 -19.27
C ALA B 121 -14.45 13.18 -19.63
N ASP B 122 -15.07 12.13 -19.09
CA ASP B 122 -16.53 12.04 -19.14
C ASP B 122 -17.18 12.89 -18.05
N ARG B 123 -16.54 13.00 -16.89
CA ARG B 123 -16.99 13.88 -15.83
C ARG B 123 -15.80 14.60 -15.23
N ILE B 124 -15.95 15.88 -14.93
CA ILE B 124 -14.91 16.60 -14.19
C ILE B 124 -15.48 17.12 -12.88
N VAL B 125 -14.70 16.93 -11.84
CA VAL B 125 -15.06 17.22 -10.46
C VAL B 125 -14.09 18.27 -9.94
N SER B 126 -14.62 19.27 -9.25
CA SER B 126 -13.79 20.32 -8.70
C SER B 126 -14.19 20.59 -7.25
N PRO B 127 -13.23 20.46 -6.32
CA PRO B 127 -13.51 20.85 -4.93
C PRO B 127 -13.15 22.31 -4.70
N VAL B 128 -14.04 23.01 -4.01
CA VAL B 128 -13.83 24.42 -3.75
C VAL B 128 -13.93 24.59 -2.24
N THR B 129 -12.97 25.29 -1.67
CA THR B 129 -12.99 25.62 -0.26
C THR B 129 -13.44 27.06 -0.08
N PRO B 130 -13.91 27.45 1.11
CA PRO B 130 -14.40 28.82 1.29
C PRO B 130 -13.31 29.87 1.45
N GLN B 131 -12.06 29.55 1.15
CA GLN B 131 -10.99 30.53 1.15
C GLN B 131 -11.21 31.57 0.04
N PRO B 132 -10.70 32.79 0.22
CA PRO B 132 -10.86 33.80 -0.85
C PRO B 132 -10.23 33.43 -2.20
N LEU B 133 -9.05 32.80 -2.22
CA LEU B 133 -8.41 32.48 -3.50
C LEU B 133 -9.18 31.40 -4.25
N ALA B 134 -9.82 30.49 -3.52
CA ALA B 134 -10.55 29.40 -4.15
C ALA B 134 -11.69 29.91 -5.03
N LEU B 135 -12.31 31.03 -4.65
CA LEU B 135 -13.41 31.55 -5.45
C LEU B 135 -12.90 32.06 -6.80
N GLU B 136 -11.76 32.75 -6.81
CA GLU B 136 -11.16 33.16 -8.08
C GLU B 136 -10.77 31.93 -8.91
N ALA B 137 -10.29 30.88 -8.24
CA ALA B 137 -9.92 29.66 -8.97
C ALA B 137 -11.13 29.04 -9.66
N ILE B 138 -12.26 28.93 -8.95
CA ILE B 138 -13.46 28.35 -9.57
C ILE B 138 -13.97 29.24 -10.70
N LYS B 139 -13.89 30.57 -10.51
CA LYS B 139 -14.18 31.51 -11.58
C LYS B 139 -13.40 31.19 -12.87
N ASN B 140 -12.08 31.24 -12.78
CA ASN B 140 -11.30 31.07 -13.99
C ASN B 140 -11.36 29.63 -14.49
N LEU B 141 -11.76 28.68 -13.63
CA LEU B 141 -12.06 27.34 -14.09
C LEU B 141 -13.28 27.35 -15.00
N ASP B 142 -14.30 28.15 -14.68
CA ASP B 142 -15.43 28.28 -15.60
C ASP B 142 -14.97 28.84 -16.95
N SER B 143 -14.12 29.86 -16.90
CA SER B 143 -13.57 30.37 -18.16
C SER B 143 -12.84 29.27 -18.94
N ARG B 144 -12.04 28.46 -18.24
CA ARG B 144 -11.34 27.34 -18.87
C ARG B 144 -12.31 26.31 -19.44
N LEU B 145 -13.38 26.02 -18.70
CA LEU B 145 -14.33 24.99 -19.09
C LEU B 145 -15.09 25.38 -20.35
N LYS B 146 -15.47 26.66 -20.45
CA LYS B 146 -16.14 27.12 -21.66
C LYS B 146 -15.20 27.07 -22.86
N SER B 147 -13.91 27.35 -22.64
CA SER B 147 -12.94 27.39 -23.72
C SER B 147 -12.64 26.01 -24.31
N ILE B 148 -13.15 24.93 -23.71
CA ILE B 148 -12.85 23.60 -24.20
C ILE B 148 -14.15 22.85 -24.40
N GLY B 149 -15.27 23.58 -24.30
CA GLY B 149 -16.59 22.98 -24.44
C GLY B 149 -16.91 21.92 -23.41
N LYS B 150 -16.62 22.20 -22.14
CA LYS B 150 -16.77 21.20 -21.06
C LYS B 150 -17.45 21.85 -19.85
N ASN B 151 -17.86 21.02 -18.92
CA ASN B 151 -18.73 21.46 -17.86
C ASN B 151 -18.32 20.59 -16.66
N ALA B 152 -18.48 21.10 -15.43
CA ALA B 152 -17.92 20.39 -14.29
C ALA B 152 -18.86 20.47 -13.10
N TYR B 153 -18.72 19.49 -12.20
CA TYR B 153 -19.48 19.43 -10.96
C TYR B 153 -18.59 19.95 -9.84
N SER B 154 -19.13 20.83 -9.00
CA SER B 154 -18.37 21.44 -7.91
C SER B 154 -18.94 21.04 -6.57
N PHE B 155 -18.07 20.67 -5.64
CA PHE B 155 -18.50 20.44 -4.26
C PHE B 155 -17.58 21.22 -3.32
N THR B 156 -17.89 21.18 -2.02
CA THR B 156 -17.21 22.01 -1.04
C THR B 156 -16.44 21.12 -0.07
N ASN B 157 -15.19 21.50 0.20
CA ASN B 157 -14.30 20.80 1.11
C ASN B 157 -13.89 21.74 2.24
N PHE B 158 -13.50 21.15 3.37
CA PHE B 158 -13.06 21.93 4.54
C PHE B 158 -14.19 22.79 5.11
N SER B 159 -15.43 22.29 5.09
CA SER B 159 -16.53 23.18 5.47
C SER B 159 -17.78 22.37 5.82
N LYS B 160 -18.56 22.90 6.77
CA LYS B 160 -19.90 22.43 7.02
C LYS B 160 -20.90 23.12 6.11
N LYS B 161 -20.50 24.23 5.50
CA LYS B 161 -21.36 25.10 4.69
C LYS B 161 -21.01 24.97 3.21
N VAL B 162 -22.04 24.86 2.37
CA VAL B 162 -21.83 24.71 0.93
C VAL B 162 -21.43 26.06 0.33
N VAL B 163 -20.47 26.03 -0.58
CA VAL B 163 -20.17 27.17 -1.46
C VAL B 163 -20.90 27.00 -2.78
N LYS B 164 -21.65 28.02 -3.18
CA LYS B 164 -22.22 28.07 -4.52
C LYS B 164 -22.01 29.46 -5.10
N LEU B 165 -22.00 29.53 -6.42
CA LEU B 165 -21.81 30.79 -7.14
C LEU B 165 -22.83 30.90 -8.27
N ASP B 166 -23.50 32.05 -8.35
CA ASP B 166 -24.62 32.21 -9.27
C ASP B 166 -24.17 32.37 -10.72
N ASN B 167 -23.13 33.16 -10.93
CA ASN B 167 -22.75 33.64 -12.26
C ASN B 167 -22.28 32.55 -13.24
N LEU B 168 -21.71 31.45 -12.78
CA LEU B 168 -20.96 30.56 -13.68
C LEU B 168 -21.82 29.39 -14.14
N SER B 169 -22.00 29.27 -15.46
CA SER B 169 -22.95 28.32 -16.06
C SER B 169 -22.33 26.98 -16.43
N SER B 170 -21.01 26.92 -16.60
CA SER B 170 -20.33 25.66 -16.89
C SER B 170 -19.90 24.93 -15.64
N VAL B 171 -20.32 25.39 -14.46
CA VAL B 171 -19.95 24.79 -13.18
C VAL B 171 -21.26 24.56 -12.43
N LYS B 172 -21.71 23.31 -12.38
CA LYS B 172 -22.89 22.96 -11.60
C LYS B 172 -22.48 22.79 -10.13
N PHE B 173 -23.18 23.49 -9.25
CA PHE B 173 -22.83 23.52 -7.83
C PHE B 173 -23.72 22.54 -7.08
N THR B 174 -23.13 21.46 -6.59
CA THR B 174 -23.82 20.44 -5.82
C THR B 174 -23.97 20.87 -4.36
N GLU B 175 -24.78 20.13 -3.61
CA GLU B 175 -24.93 20.36 -2.18
C GLU B 175 -23.89 19.63 -1.36
N ILE B 176 -22.97 18.90 -1.99
CA ILE B 176 -22.01 18.09 -1.25
C ILE B 176 -21.00 18.98 -0.56
N THR B 177 -20.90 18.85 0.75
CA THR B 177 -19.88 19.54 1.54
C THR B 177 -19.21 18.54 2.46
N ILE B 178 -17.88 18.62 2.54
CA ILE B 178 -17.07 17.72 3.36
C ILE B 178 -16.46 18.54 4.49
N PRO B 179 -16.80 18.27 5.75
CA PRO B 179 -16.31 19.10 6.84
C PRO B 179 -14.85 18.82 7.12
N PRO B 180 -14.17 19.72 7.83
CA PRO B 180 -12.82 19.41 8.30
C PRO B 180 -12.85 18.20 9.23
N SER B 181 -11.97 17.24 8.95
CA SER B 181 -11.89 16.02 9.73
C SER B 181 -10.43 15.64 9.90
N ARG B 182 -10.07 15.25 11.11
CA ARG B 182 -8.72 14.76 11.37
C ARG B 182 -8.46 13.36 10.82
N LEU B 183 -9.50 12.69 10.34
CA LEU B 183 -9.31 11.39 9.69
C LEU B 183 -8.42 11.50 8.46
N PHE B 184 -8.62 12.54 7.65
CA PHE B 184 -7.79 12.73 6.46
C PHE B 184 -6.32 12.94 6.84
N ILE B 185 -6.07 13.72 7.88
CA ILE B 185 -4.70 14.00 8.28
C ILE B 185 -4.02 12.74 8.79
N GLU B 186 -4.74 11.96 9.63
CA GLU B 186 -4.18 10.70 10.12
C GLU B 186 -3.91 9.72 8.98
N ALA B 187 -4.85 9.64 8.03
CA ALA B 187 -4.66 8.74 6.89
C ALA B 187 -3.49 9.16 6.00
N SER B 188 -3.32 10.46 5.76
CA SER B 188 -2.16 10.88 4.96
C SER B 188 -0.87 10.54 5.69
N ARG B 189 -0.85 10.73 7.01
CA ARG B 189 0.29 10.26 7.79
C ARG B 189 0.55 8.78 7.54
N LEU B 190 -0.51 7.97 7.55
CA LEU B 190 -0.35 6.54 7.28
C LEU B 190 0.07 6.28 5.84
N GLY B 191 -0.49 7.04 4.89
CA GLY B 191 -0.24 6.77 3.49
C GLY B 191 -1.26 5.81 2.91
N VAL B 192 -2.51 5.96 3.34
CA VAL B 192 -3.62 5.13 2.88
C VAL B 192 -4.81 6.04 2.60
N PRO B 193 -5.76 5.58 1.78
CA PRO B 193 -6.98 6.35 1.58
C PRO B 193 -7.76 6.49 2.89
N ALA B 194 -8.30 7.69 3.12
CA ALA B 194 -8.99 7.95 4.37
C ALA B 194 -10.21 7.06 4.55
N LEU B 195 -10.83 6.63 3.45
CA LEU B 195 -11.98 5.72 3.54
C LEU B 195 -11.58 4.39 4.16
N ARG B 196 -10.46 3.82 3.70
CA ARG B 196 -10.00 2.53 4.24
C ARG B 196 -9.64 2.66 5.71
N TYR B 197 -8.87 3.69 6.04
CA TYR B 197 -8.48 3.94 7.42
C TYR B 197 -9.71 4.07 8.31
N GLU B 198 -10.70 4.84 7.86
CA GLU B 198 -11.92 5.01 8.64
C GLU B 198 -12.65 3.69 8.81
N GLU B 199 -12.76 2.90 7.74
CA GLU B 199 -13.49 1.64 7.83
C GLU B 199 -12.82 0.68 8.81
N VAL B 200 -11.54 0.87 9.09
CA VAL B 200 -10.90 0.07 10.13
C VAL B 200 -10.87 0.75 11.51
N ARG B 201 -11.01 2.07 11.57
CA ARG B 201 -10.70 2.83 12.78
C ARG B 201 -11.90 3.06 13.70
N ILE B 202 -13.12 3.17 13.16
CA ILE B 202 -14.30 3.46 13.97
C ILE B 202 -15.38 2.42 13.72
N LYS B 203 -16.35 2.40 14.63
CA LYS B 203 -17.48 1.48 14.55
C LYS B 203 -18.37 1.75 13.35
N LYS B 204 -18.71 3.01 13.11
CA LYS B 204 -19.70 3.36 12.09
C LYS B 204 -19.08 4.37 11.13
N PRO B 205 -18.37 3.89 10.11
CA PRO B 205 -17.77 4.81 9.14
C PRO B 205 -18.80 5.74 8.52
N LYS B 206 -18.39 6.99 8.37
CA LYS B 206 -19.26 8.09 7.99
C LYS B 206 -18.71 8.97 6.88
N LEU B 207 -17.42 8.85 6.54
CA LEU B 207 -16.86 9.56 5.38
C LEU B 207 -17.38 9.02 4.05
N ALA B 208 -17.84 7.77 4.02
CA ALA B 208 -18.26 7.17 2.75
C ALA B 208 -19.50 7.82 2.18
N ASN B 209 -20.31 8.49 3.01
CA ASN B 209 -21.53 9.11 2.52
C ASN B 209 -21.22 10.22 1.53
N TYR B 210 -20.18 11.02 1.80
CA TYR B 210 -19.83 12.11 0.90
C TYR B 210 -19.43 11.59 -0.47
N TYR B 211 -18.60 10.55 -0.50
CA TYR B 211 -18.15 10.02 -1.78
C TYR B 211 -19.25 9.22 -2.48
N GLN B 212 -20.18 8.65 -1.71
CA GLN B 212 -21.38 8.09 -2.32
C GLN B 212 -22.22 9.18 -2.99
N GLN B 213 -22.37 10.33 -2.32
CA GLN B 213 -23.06 11.46 -2.94
C GLN B 213 -22.36 11.87 -4.23
N LEU B 214 -21.03 11.95 -4.19
CA LEU B 214 -20.28 12.35 -5.38
C LEU B 214 -20.49 11.36 -6.51
N ALA B 215 -20.39 10.06 -6.23
CA ALA B 215 -20.60 9.06 -7.29
C ALA B 215 -22.00 9.15 -7.86
N LYS B 216 -23.01 9.28 -6.98
CA LYS B 216 -24.39 9.40 -7.42
C LYS B 216 -24.57 10.60 -8.34
N VAL B 217 -24.05 11.75 -7.95
CA VAL B 217 -24.25 12.97 -8.73
C VAL B 217 -23.47 12.92 -10.05
N ILE B 218 -22.30 12.29 -10.09
CA ILE B 218 -21.55 12.30 -11.34
C ILE B 218 -21.93 11.18 -12.29
N SER B 219 -22.70 10.18 -11.83
CA SER B 219 -23.08 9.07 -12.70
C SER B 219 -24.52 9.15 -13.20
N GLU B 220 -25.23 10.25 -12.92
CA GLU B 220 -26.59 10.39 -13.44
C GLU B 220 -26.57 10.77 -14.92
#